data_6TIM
#
_entry.id   6TIM
#
_cell.length_a   112.360
_cell.length_b   97.590
_cell.length_c   46.650
_cell.angle_alpha   90.00
_cell.angle_beta   90.00
_cell.angle_gamma   90.00
#
_symmetry.space_group_name_H-M   'P 21 21 21'
#
loop_
_entity.id
_entity.type
_entity.pdbx_description
1 polymer 'TRIOSEPHOSPHATE ISOMERASE'
2 non-polymer SN-GLYCEROL-3-PHOSPHATE
3 water water
#
_entity_poly.entity_id   1
_entity_poly.type   'polypeptide(L)'
_entity_poly.pdbx_seq_one_letter_code
;MSKPQPIAAANWKCNGSQQSLSELIDLFNSTSINHDVQCVVASTFVHLAMTKERLSHPKFVIAAQNAIAKSGAFTGEVSL
PILKDFGVNWIVLGHSERRAYYGETNEIVADKVAAAVASGFMVIACIGETLQERESGRTAVVVLTQIAAIAKKLKKADWA
KVVIAYEPVWAIGTGKVATPQQAQEAHALIRSWVSSKIGADVAGELRILYGGSVNGKNARTLYQQRDVNGFLVGGASLKP
EFVDIIKATQ
;
_entity_poly.pdbx_strand_id   A,B
#
loop_
_chem_comp.id
_chem_comp.type
_chem_comp.name
_chem_comp.formula
G3P non-polymer SN-GLYCEROL-3-PHOSPHATE 'C3 H9 O6 P'
#
# COMPACT_ATOMS: atom_id res chain seq x y z
N SER A 2 -8.91 -27.42 26.65
CA SER A 2 -8.45 -26.06 26.99
C SER A 2 -7.52 -25.36 26.00
N LYS A 3 -8.00 -24.19 25.65
CA LYS A 3 -7.47 -23.31 24.67
C LYS A 3 -7.45 -21.86 25.17
N PRO A 4 -6.64 -21.02 24.48
CA PRO A 4 -6.56 -19.58 24.71
C PRO A 4 -7.80 -18.89 24.14
N GLN A 5 -7.88 -17.56 24.28
CA GLN A 5 -8.93 -16.79 23.69
C GLN A 5 -8.96 -16.94 22.16
N PRO A 6 -10.08 -17.27 21.58
CA PRO A 6 -10.02 -17.35 20.12
C PRO A 6 -9.93 -15.95 19.49
N ILE A 7 -9.66 -15.95 18.18
CA ILE A 7 -9.73 -14.80 17.27
C ILE A 7 -10.49 -15.04 15.99
N ALA A 8 -11.45 -14.18 15.70
CA ALA A 8 -12.08 -14.23 14.41
C ALA A 8 -11.66 -12.99 13.63
N ALA A 9 -10.76 -13.18 12.67
CA ALA A 9 -10.25 -12.11 11.84
C ALA A 9 -10.81 -12.14 10.37
N ALA A 10 -11.52 -11.04 10.02
CA ALA A 10 -11.94 -10.67 8.70
C ALA A 10 -10.87 -9.88 7.98
N ASN A 11 -10.31 -10.53 7.00
CA ASN A 11 -9.45 -9.88 6.07
C ASN A 11 -10.31 -9.51 4.85
N TRP A 12 -10.75 -8.26 4.77
CA TRP A 12 -11.50 -7.77 3.62
C TRP A 12 -10.70 -7.74 2.32
N LYS A 13 -9.37 -7.81 2.41
CA LYS A 13 -8.54 -7.80 1.21
C LYS A 13 -8.68 -6.49 0.45
N CYS A 14 -8.50 -6.52 -0.85
CA CYS A 14 -8.49 -5.27 -1.59
C CYS A 14 -9.84 -5.09 -2.23
N ASN A 15 -10.85 -4.94 -1.35
CA ASN A 15 -12.22 -4.82 -1.74
C ASN A 15 -12.94 -3.77 -0.96
N GLY A 16 -14.04 -3.33 -1.50
CA GLY A 16 -14.81 -2.48 -0.64
C GLY A 16 -15.56 -1.41 -1.37
N SER A 17 -16.16 -0.59 -0.52
CA SER A 17 -16.94 0.58 -0.87
C SER A 17 -17.50 1.14 0.44
N GLN A 18 -17.47 2.46 0.56
CA GLN A 18 -18.03 3.14 1.68
C GLN A 18 -19.42 2.55 1.99
N GLN A 19 -20.28 2.56 0.99
CA GLN A 19 -21.62 2.05 1.11
C GLN A 19 -21.71 0.66 1.75
N SER A 20 -21.28 -0.34 0.99
CA SER A 20 -21.21 -1.74 1.38
C SER A 20 -20.63 -1.95 2.78
N LEU A 21 -19.36 -1.52 2.97
CA LEU A 21 -18.70 -1.70 4.26
C LEU A 21 -19.46 -1.16 5.46
N SER A 22 -19.95 0.07 5.33
CA SER A 22 -20.82 0.73 6.29
C SER A 22 -21.93 -0.21 6.73
N GLU A 23 -22.54 -0.86 5.72
CA GLU A 23 -23.65 -1.77 5.93
C GLU A 23 -23.22 -3.01 6.68
N LEU A 24 -22.07 -3.55 6.29
CA LEU A 24 -21.51 -4.71 6.97
C LEU A 24 -21.21 -4.34 8.43
N ILE A 25 -20.57 -3.19 8.61
CA ILE A 25 -20.23 -2.66 9.92
C ILE A 25 -21.45 -2.66 10.80
N ASP A 26 -22.55 -2.15 10.20
CA ASP A 26 -23.78 -2.12 10.92
C ASP A 26 -24.23 -3.49 11.32
N LEU A 27 -24.19 -4.46 10.41
CA LEU A 27 -24.60 -5.82 10.78
C LEU A 27 -23.74 -6.27 11.96
N PHE A 28 -22.41 -6.05 11.88
CA PHE A 28 -21.47 -6.47 12.95
C PHE A 28 -21.77 -5.85 14.31
N ASN A 29 -21.96 -4.54 14.36
CA ASN A 29 -22.24 -3.90 15.63
C ASN A 29 -23.47 -4.46 16.32
N SER A 30 -24.43 -4.80 15.48
CA SER A 30 -25.70 -5.33 15.95
C SER A 30 -25.55 -6.74 16.47
N THR A 31 -24.42 -7.39 16.19
CA THR A 31 -24.32 -8.77 16.59
C THR A 31 -24.13 -8.98 18.09
N SER A 32 -24.90 -9.94 18.61
CA SER A 32 -24.83 -10.42 19.97
C SER A 32 -23.74 -11.46 20.15
N ILE A 33 -22.68 -11.08 20.87
CA ILE A 33 -21.52 -11.93 21.10
C ILE A 33 -21.30 -12.14 22.57
N ASN A 34 -21.52 -13.39 23.04
CA ASN A 34 -21.52 -13.68 24.45
C ASN A 34 -20.32 -14.38 25.04
N HIS A 35 -19.48 -14.90 24.17
CA HIS A 35 -18.31 -15.51 24.74
C HIS A 35 -17.07 -14.66 24.52
N ASP A 36 -15.97 -15.12 25.14
CA ASP A 36 -14.73 -14.39 25.03
C ASP A 36 -14.04 -14.82 23.74
N VAL A 37 -14.09 -13.88 22.81
CA VAL A 37 -13.47 -13.96 21.50
C VAL A 37 -13.00 -12.53 21.18
N GLN A 38 -11.90 -12.45 20.49
CA GLN A 38 -11.45 -11.20 19.94
C GLN A 38 -11.70 -11.19 18.43
N CYS A 39 -12.53 -10.24 17.99
CA CYS A 39 -12.88 -10.03 16.59
C CYS A 39 -12.04 -8.95 16.01
N VAL A 40 -11.53 -9.20 14.82
CA VAL A 40 -10.64 -8.27 14.16
C VAL A 40 -11.09 -7.90 12.76
N VAL A 41 -11.13 -6.61 12.46
CA VAL A 41 -11.52 -6.23 11.11
C VAL A 41 -10.33 -5.57 10.50
N ALA A 42 -9.81 -6.21 9.42
CA ALA A 42 -8.71 -5.73 8.57
C ALA A 42 -9.23 -5.19 7.23
N SER A 43 -9.28 -3.84 7.16
CA SER A 43 -9.79 -3.09 6.00
C SER A 43 -8.64 -2.53 5.12
N THR A 44 -8.93 -2.04 3.90
CA THR A 44 -7.90 -1.39 3.14
C THR A 44 -7.35 -0.23 3.95
N PHE A 45 -6.21 0.36 3.56
CA PHE A 45 -5.64 1.52 4.27
C PHE A 45 -6.60 2.73 4.18
N VAL A 46 -7.25 2.83 3.01
CA VAL A 46 -8.14 3.89 2.67
C VAL A 46 -9.38 3.91 3.55
N HIS A 47 -9.89 2.71 3.83
CA HIS A 47 -11.08 2.56 4.64
C HIS A 47 -10.89 2.75 6.14
N LEU A 48 -9.64 2.68 6.61
CA LEU A 48 -9.40 2.67 8.06
C LEU A 48 -10.15 3.75 8.83
N ALA A 49 -10.19 4.95 8.29
CA ALA A 49 -10.80 6.00 9.10
C ALA A 49 -12.25 5.74 9.33
N MET A 50 -12.97 5.58 8.22
CA MET A 50 -14.37 5.13 8.28
C MET A 50 -14.59 3.99 9.28
N THR A 51 -13.75 2.98 9.21
CA THR A 51 -13.94 1.76 9.98
C THR A 51 -13.87 1.97 11.48
N LYS A 52 -12.88 2.72 11.92
CA LYS A 52 -12.70 3.10 13.31
C LYS A 52 -13.92 3.87 13.81
N GLU A 53 -14.32 4.91 13.08
CA GLU A 53 -15.44 5.75 13.50
C GLU A 53 -16.73 4.94 13.71
N ARG A 54 -17.01 4.04 12.76
CA ARG A 54 -18.23 3.25 12.75
C ARG A 54 -18.33 2.03 13.66
N LEU A 55 -17.24 1.24 13.78
CA LEU A 55 -17.28 0.01 14.55
C LEU A 55 -17.33 0.39 16.01
N SER A 56 -18.44 0.08 16.66
CA SER A 56 -18.61 0.42 18.04
C SER A 56 -18.62 -0.84 18.88
N HIS A 57 -18.71 -2.00 18.20
CA HIS A 57 -18.78 -3.24 18.93
C HIS A 57 -17.56 -3.36 19.85
N PRO A 58 -17.81 -3.78 21.09
CA PRO A 58 -16.78 -3.90 22.12
C PRO A 58 -15.87 -5.09 21.88
N LYS A 59 -16.33 -6.03 21.12
CA LYS A 59 -15.48 -7.17 20.88
C LYS A 59 -14.62 -7.09 19.62
N PHE A 60 -14.75 -5.96 18.94
CA PHE A 60 -14.07 -5.75 17.67
C PHE A 60 -12.88 -4.74 17.81
N VAL A 61 -11.76 -4.94 17.10
CA VAL A 61 -10.66 -4.00 17.01
C VAL A 61 -10.37 -3.90 15.54
N ILE A 62 -9.64 -2.82 15.12
CA ILE A 62 -9.26 -2.68 13.73
C ILE A 62 -7.79 -2.97 13.51
N ALA A 63 -7.57 -3.55 12.34
CA ALA A 63 -6.29 -3.99 11.90
C ALA A 63 -6.03 -3.54 10.47
N ALA A 64 -4.77 -3.38 10.14
CA ALA A 64 -4.31 -3.04 8.78
C ALA A 64 -3.78 -4.35 8.17
N GLN A 65 -3.70 -4.36 6.84
CA GLN A 65 -3.33 -5.51 6.00
C GLN A 65 -1.88 -5.59 5.65
N ASN A 66 -1.06 -4.66 6.14
CA ASN A 66 0.36 -4.61 5.86
C ASN A 66 0.94 -3.30 6.36
N ALA A 67 2.26 -3.29 6.41
CA ALA A 67 3.06 -2.11 6.63
C ALA A 67 4.53 -2.34 6.30
N ILE A 68 5.24 -1.22 6.15
CA ILE A 68 6.68 -1.19 6.15
C ILE A 68 7.11 -0.75 7.54
N ALA A 69 8.29 -1.16 7.94
CA ALA A 69 8.78 -0.86 9.29
C ALA A 69 9.05 0.63 9.69
N LYS A 70 9.46 1.53 8.77
CA LYS A 70 9.93 2.88 9.10
C LYS A 70 9.41 3.88 8.11
N SER A 71 9.17 5.10 8.54
CA SER A 71 8.75 6.02 7.51
C SER A 71 9.96 6.43 6.69
N GLY A 72 9.69 7.20 5.60
CA GLY A 72 10.70 7.69 4.66
C GLY A 72 10.23 7.71 3.21
N ALA A 73 11.22 7.80 2.30
CA ALA A 73 11.00 7.82 0.85
C ALA A 73 10.61 6.48 0.25
N PHE A 74 9.35 6.14 0.44
CA PHE A 74 8.80 4.88 0.01
C PHE A 74 7.43 5.16 -0.56
N THR A 75 7.43 5.77 -1.73
CA THR A 75 6.15 6.12 -2.28
C THR A 75 5.16 4.93 -2.35
N GLY A 76 3.90 5.18 -2.02
CA GLY A 76 2.79 4.24 -2.12
C GLY A 76 2.63 3.39 -0.88
N GLU A 77 3.65 3.39 0.00
CA GLU A 77 3.70 2.51 1.18
C GLU A 77 3.19 3.13 2.46
N VAL A 78 2.76 2.30 3.41
CA VAL A 78 2.39 2.88 4.68
C VAL A 78 3.22 2.20 5.75
N SER A 79 3.82 2.98 6.66
CA SER A 79 4.72 2.48 7.69
C SER A 79 4.10 2.29 9.09
N LEU A 80 4.79 1.60 10.00
CA LEU A 80 4.23 1.38 11.33
C LEU A 80 3.94 2.64 12.13
N PRO A 81 4.89 3.54 12.20
CA PRO A 81 4.65 4.79 12.90
C PRO A 81 3.37 5.53 12.48
N ILE A 82 3.20 5.65 11.16
CA ILE A 82 2.01 6.23 10.58
C ILE A 82 0.76 5.56 11.16
N LEU A 83 0.82 4.23 11.25
CA LEU A 83 -0.30 3.45 11.78
C LEU A 83 -0.53 3.64 13.29
N LYS A 84 0.57 3.69 14.03
CA LYS A 84 0.61 3.91 15.47
C LYS A 84 -0.02 5.26 15.82
N ASP A 85 0.49 6.37 15.24
CA ASP A 85 -0.12 7.67 15.45
C ASP A 85 -1.62 7.66 15.21
N PHE A 86 -2.02 6.87 14.19
CA PHE A 86 -3.39 6.70 13.71
C PHE A 86 -4.28 5.82 14.58
N GLY A 87 -3.79 5.35 15.72
CA GLY A 87 -4.58 4.54 16.61
C GLY A 87 -4.78 3.10 16.16
N VAL A 88 -4.02 2.63 15.18
CA VAL A 88 -4.17 1.23 14.77
C VAL A 88 -3.12 0.45 15.55
N ASN A 89 -3.54 -0.68 16.11
CA ASN A 89 -2.68 -1.54 16.91
C ASN A 89 -2.65 -3.01 16.46
N TRP A 90 -3.45 -3.40 15.45
CA TRP A 90 -3.37 -4.75 14.90
C TRP A 90 -2.89 -4.72 13.45
N ILE A 91 -2.10 -5.73 13.06
CA ILE A 91 -1.60 -5.86 11.72
C ILE A 91 -1.51 -7.32 11.22
N VAL A 92 -1.76 -7.44 9.94
CA VAL A 92 -1.61 -8.69 9.28
C VAL A 92 -0.34 -8.56 8.50
N LEU A 93 0.55 -9.51 8.77
CA LEU A 93 1.81 -9.48 8.06
C LEU A 93 2.11 -10.82 7.40
N GLY A 94 2.76 -10.77 6.25
CA GLY A 94 3.28 -11.97 5.58
C GLY A 94 2.22 -12.82 4.88
N HIS A 95 1.12 -12.21 4.57
CA HIS A 95 0.08 -12.95 3.93
C HIS A 95 0.56 -13.52 2.59
N SER A 96 0.06 -14.70 2.24
CA SER A 96 0.51 -15.37 1.04
C SER A 96 0.31 -14.54 -0.21
N GLU A 97 -0.72 -13.78 -0.31
CA GLU A 97 -0.83 -13.00 -1.53
C GLU A 97 0.33 -12.03 -1.65
N ARG A 98 0.88 -11.65 -0.49
CA ARG A 98 1.98 -10.69 -0.50
C ARG A 98 3.30 -11.41 -0.83
N ARG A 99 3.45 -12.57 -0.14
CA ARG A 99 4.55 -13.49 -0.38
C ARG A 99 4.78 -13.85 -1.86
N ALA A 100 3.66 -14.00 -2.60
CA ALA A 100 3.60 -14.38 -4.00
C ALA A 100 3.78 -13.21 -4.96
N TYR A 101 2.89 -12.24 -4.91
CA TYR A 101 3.02 -11.12 -5.82
C TYR A 101 4.01 -10.02 -5.48
N TYR A 102 4.36 -9.83 -4.19
CA TYR A 102 5.05 -8.63 -3.74
C TYR A 102 6.41 -8.75 -3.13
N GLY A 103 7.02 -9.89 -3.39
CA GLY A 103 8.43 -10.07 -3.04
C GLY A 103 8.79 -10.31 -1.58
N GLU A 104 7.76 -10.65 -0.83
CA GLU A 104 7.86 -10.93 0.59
C GLU A 104 8.51 -12.30 0.95
N THR A 105 9.84 -12.32 1.13
CA THR A 105 10.59 -13.53 1.52
C THR A 105 10.40 -13.79 3.02
N ASN A 106 10.97 -14.89 3.50
CA ASN A 106 10.83 -15.25 4.93
C ASN A 106 11.46 -14.16 5.76
N GLU A 107 12.55 -13.64 5.20
CA GLU A 107 13.34 -12.60 5.82
C GLU A 107 12.59 -11.27 6.04
N ILE A 108 12.00 -10.70 4.97
CA ILE A 108 11.23 -9.47 4.93
C ILE A 108 10.04 -9.52 5.91
N VAL A 109 9.40 -10.68 5.98
CA VAL A 109 8.35 -10.97 6.88
C VAL A 109 8.80 -10.92 8.36
N ALA A 110 9.90 -11.57 8.68
CA ALA A 110 10.47 -11.62 10.01
C ALA A 110 10.74 -10.24 10.56
N ASP A 111 11.44 -9.46 9.72
CA ASP A 111 11.80 -8.05 9.93
C ASP A 111 10.58 -7.18 10.30
N LYS A 112 9.53 -7.33 9.48
CA LYS A 112 8.28 -6.59 9.56
C LYS A 112 7.57 -6.98 10.81
N VAL A 113 7.63 -8.23 11.13
CA VAL A 113 7.04 -8.69 12.34
C VAL A 113 7.79 -8.15 13.52
N ALA A 114 9.09 -8.41 13.57
CA ALA A 114 9.93 -7.94 14.66
C ALA A 114 9.73 -6.43 14.89
N ALA A 115 9.69 -5.70 13.77
CA ALA A 115 9.50 -4.25 13.75
C ALA A 115 8.20 -3.84 14.44
N ALA A 116 7.12 -4.56 14.10
CA ALA A 116 5.79 -4.40 14.68
C ALA A 116 5.73 -4.73 16.16
N VAL A 117 6.23 -5.92 16.52
CA VAL A 117 6.27 -6.25 17.94
C VAL A 117 6.98 -5.17 18.76
N ALA A 118 8.12 -4.70 18.25
CA ALA A 118 8.92 -3.68 18.90
C ALA A 118 8.11 -2.43 19.20
N SER A 119 7.39 -1.93 18.19
CA SER A 119 6.51 -0.76 18.26
C SER A 119 5.17 -1.02 18.97
N GLY A 120 4.99 -2.16 19.64
CA GLY A 120 3.70 -2.33 20.32
C GLY A 120 2.47 -2.99 19.66
N PHE A 121 2.47 -3.29 18.35
CA PHE A 121 1.34 -3.95 17.65
C PHE A 121 1.03 -5.42 18.06
N MET A 122 -0.24 -5.85 18.01
CA MET A 122 -0.61 -7.26 18.03
C MET A 122 -0.43 -7.72 16.58
N VAL A 123 0.36 -8.74 16.30
CA VAL A 123 0.59 -9.17 14.93
C VAL A 123 -0.06 -10.53 14.65
N ILE A 124 -0.71 -10.59 13.51
CA ILE A 124 -1.16 -11.84 12.93
C ILE A 124 -0.22 -12.12 11.78
N ALA A 125 0.73 -13.00 12.06
CA ALA A 125 1.67 -13.45 11.08
C ALA A 125 1.19 -14.76 10.47
N CYS A 126 1.24 -14.74 9.14
CA CYS A 126 0.80 -15.77 8.24
C CYS A 126 1.96 -16.59 7.68
N ILE A 127 1.83 -17.93 7.76
CA ILE A 127 2.75 -18.93 7.20
C ILE A 127 1.90 -19.98 6.48
N GLY A 128 2.57 -20.82 5.68
CA GLY A 128 1.81 -21.79 4.86
C GLY A 128 2.52 -22.09 3.54
N GLU A 129 2.38 -23.38 3.13
CA GLU A 129 3.02 -24.01 1.98
C GLU A 129 2.16 -24.08 0.71
N THR A 130 2.80 -24.09 -0.45
CA THR A 130 2.09 -24.25 -1.72
C THR A 130 1.93 -25.72 -2.08
N LEU A 131 1.03 -26.02 -3.03
CA LEU A 131 0.78 -27.39 -3.50
C LEU A 131 2.06 -28.06 -3.95
N GLN A 132 2.94 -27.26 -4.56
CA GLN A 132 4.22 -27.81 -5.01
C GLN A 132 5.03 -28.29 -3.85
N GLU A 133 5.31 -27.39 -2.91
CA GLU A 133 6.05 -27.83 -1.75
C GLU A 133 5.34 -28.97 -1.04
N ARG A 134 4.03 -28.88 -1.03
CA ARG A 134 3.29 -29.92 -0.33
C ARG A 134 3.46 -31.29 -0.97
N GLU A 135 3.20 -31.31 -2.29
CA GLU A 135 3.27 -32.48 -3.14
C GLU A 135 4.61 -33.18 -3.05
N SER A 136 5.65 -32.37 -2.99
CA SER A 136 6.98 -32.92 -2.93
C SER A 136 7.41 -33.44 -1.55
N GLY A 137 6.47 -33.62 -0.62
CA GLY A 137 6.84 -33.99 0.74
C GLY A 137 7.59 -32.93 1.55
N ARG A 138 7.32 -31.64 1.30
CA ARG A 138 8.06 -30.53 1.93
C ARG A 138 7.29 -29.67 2.93
N THR A 139 6.12 -30.11 3.33
CA THR A 139 5.28 -29.36 4.23
C THR A 139 5.98 -28.86 5.48
N ALA A 140 6.79 -29.74 6.05
CA ALA A 140 7.37 -29.44 7.34
C ALA A 140 8.51 -28.45 7.30
N VAL A 141 9.44 -28.71 6.38
CA VAL A 141 10.58 -27.87 6.12
C VAL A 141 10.15 -26.43 5.80
N VAL A 142 9.12 -26.26 4.97
CA VAL A 142 8.68 -24.91 4.67
C VAL A 142 8.06 -24.24 5.88
N VAL A 143 6.99 -24.78 6.43
CA VAL A 143 6.36 -24.20 7.63
C VAL A 143 7.29 -23.93 8.78
N LEU A 144 8.19 -24.87 9.10
CA LEU A 144 9.03 -24.67 10.25
C LEU A 144 10.09 -23.63 9.96
N THR A 145 10.44 -23.54 8.70
CA THR A 145 11.38 -22.56 8.22
C THR A 145 10.73 -21.18 8.24
N GLN A 146 9.44 -21.12 7.95
CA GLN A 146 8.76 -19.84 8.08
C GLN A 146 8.71 -19.28 9.46
N ILE A 147 8.33 -20.13 10.42
CA ILE A 147 8.20 -19.79 11.82
C ILE A 147 9.56 -19.62 12.46
N ALA A 148 10.55 -20.43 12.05
CA ALA A 148 11.88 -20.21 12.57
C ALA A 148 12.47 -18.89 12.14
N ALA A 149 12.27 -18.50 10.90
CA ALA A 149 12.73 -17.18 10.49
C ALA A 149 12.10 -16.04 11.28
N ILE A 150 10.84 -16.16 11.63
CA ILE A 150 10.22 -15.12 12.40
C ILE A 150 10.83 -15.07 13.82
N ALA A 151 11.05 -16.29 14.35
CA ALA A 151 11.43 -16.56 15.72
C ALA A 151 12.84 -16.17 16.11
N LYS A 152 13.72 -16.08 15.12
CA LYS A 152 15.09 -15.65 15.39
C LYS A 152 15.24 -14.17 15.74
N LYS A 153 14.15 -13.41 15.60
CA LYS A 153 14.16 -11.98 15.88
C LYS A 153 13.29 -11.56 17.02
N LEU A 154 12.83 -12.55 17.79
CA LEU A 154 11.93 -12.38 18.90
C LEU A 154 12.44 -13.04 20.19
N LYS A 155 12.22 -12.34 21.32
CA LYS A 155 12.53 -12.82 22.66
C LYS A 155 11.33 -13.54 23.15
N LYS A 156 11.51 -14.29 24.22
CA LYS A 156 10.41 -15.02 24.80
C LYS A 156 9.21 -14.10 25.08
N ALA A 157 9.48 -12.99 25.72
CA ALA A 157 8.43 -12.04 26.03
C ALA A 157 7.60 -11.58 24.84
N ASP A 158 8.27 -11.52 23.69
CA ASP A 158 7.62 -10.96 22.50
C ASP A 158 6.35 -11.67 22.07
N TRP A 159 6.42 -12.99 22.16
CA TRP A 159 5.41 -13.99 21.83
C TRP A 159 3.98 -13.62 22.18
N ALA A 160 3.84 -13.00 23.35
CA ALA A 160 2.56 -12.50 23.76
C ALA A 160 1.96 -11.49 22.76
N LYS A 161 2.77 -11.00 21.84
CA LYS A 161 2.26 -10.01 20.92
C LYS A 161 1.91 -10.63 19.57
N VAL A 162 2.09 -11.94 19.51
CA VAL A 162 2.04 -12.73 18.29
C VAL A 162 0.91 -13.75 18.15
N VAL A 163 0.29 -13.69 16.97
CA VAL A 163 -0.69 -14.67 16.56
C VAL A 163 -0.26 -15.30 15.22
N ILE A 164 -0.32 -16.64 15.07
CA ILE A 164 0.04 -17.29 13.81
C ILE A 164 -1.19 -17.64 13.00
N ALA A 165 -1.14 -17.49 11.67
CA ALA A 165 -2.27 -17.95 10.84
C ALA A 165 -1.74 -19.00 9.88
N TYR A 166 -2.23 -20.25 9.90
CA TYR A 166 -1.69 -21.19 8.94
C TYR A 166 -2.50 -21.09 7.69
N GLU A 167 -1.87 -20.71 6.58
CA GLU A 167 -2.58 -20.61 5.29
C GLU A 167 -2.27 -21.84 4.42
N PRO A 168 -3.28 -22.70 4.09
CA PRO A 168 -3.10 -23.88 3.23
C PRO A 168 -3.02 -23.45 1.76
N VAL A 169 -1.90 -22.89 1.34
CA VAL A 169 -1.84 -22.33 0.00
C VAL A 169 -2.17 -23.30 -1.13
N TRP A 170 -1.72 -24.50 -0.90
CA TRP A 170 -1.97 -25.66 -1.73
C TRP A 170 -3.46 -25.86 -1.98
N ALA A 171 -4.31 -25.39 -1.07
CA ALA A 171 -5.73 -25.57 -1.23
C ALA A 171 -6.34 -24.31 -1.72
N ILE A 172 -5.54 -23.28 -1.84
CA ILE A 172 -6.19 -22.06 -2.28
C ILE A 172 -6.09 -21.90 -3.78
N GLY A 173 -7.26 -21.90 -4.49
CA GLY A 173 -7.32 -21.68 -5.96
C GLY A 173 -6.61 -22.76 -6.80
N THR A 174 -6.34 -23.93 -6.21
CA THR A 174 -5.69 -25.07 -6.89
C THR A 174 -6.69 -26.20 -7.20
N GLY A 175 -7.90 -26.14 -6.67
CA GLY A 175 -8.87 -27.16 -6.98
C GLY A 175 -9.00 -28.24 -5.90
N LYS A 176 -7.97 -28.37 -5.04
CA LYS A 176 -7.89 -29.29 -3.89
C LYS A 176 -8.77 -28.87 -2.71
N VAL A 177 -9.04 -29.80 -1.75
CA VAL A 177 -9.87 -29.56 -0.56
C VAL A 177 -9.11 -29.80 0.70
N ALA A 178 -9.09 -28.84 1.58
CA ALA A 178 -8.46 -29.18 2.79
C ALA A 178 -9.55 -29.73 3.73
N THR A 179 -9.26 -30.83 4.37
CA THR A 179 -10.16 -31.35 5.37
C THR A 179 -9.71 -30.83 6.73
N PRO A 180 -10.62 -30.93 7.70
CA PRO A 180 -10.29 -30.54 9.08
C PRO A 180 -9.04 -31.24 9.65
N GLN A 181 -8.89 -32.53 9.37
CA GLN A 181 -7.75 -33.33 9.83
C GLN A 181 -6.41 -32.73 9.42
N GLN A 182 -6.33 -32.32 8.14
CA GLN A 182 -5.15 -31.80 7.46
C GLN A 182 -4.78 -30.41 8.05
N ALA A 183 -5.81 -29.60 8.25
CA ALA A 183 -5.61 -28.33 8.96
C ALA A 183 -5.02 -28.57 10.35
N GLN A 184 -5.69 -29.44 11.13
CA GLN A 184 -5.24 -29.75 12.47
C GLN A 184 -3.76 -30.17 12.55
N GLU A 185 -3.36 -31.10 11.71
CA GLU A 185 -1.99 -31.57 11.57
C GLU A 185 -1.00 -30.49 11.33
N ALA A 186 -1.25 -29.60 10.34
CA ALA A 186 -0.41 -28.45 10.09
C ALA A 186 -0.32 -27.62 11.38
N HIS A 187 -1.46 -27.43 12.03
CA HIS A 187 -1.43 -26.70 13.30
C HIS A 187 -0.63 -27.31 14.45
N ALA A 188 -0.73 -28.61 14.60
CA ALA A 188 -0.10 -29.33 15.70
C ALA A 188 1.39 -29.23 15.58
N LEU A 189 1.78 -29.31 14.34
CA LEU A 189 3.13 -29.23 13.92
C LEU A 189 3.74 -27.91 14.40
N ILE A 190 3.09 -26.79 14.01
CA ILE A 190 3.57 -25.47 14.42
C ILE A 190 3.72 -25.43 15.96
N ARG A 191 2.65 -25.87 16.61
CA ARG A 191 2.65 -25.88 18.04
C ARG A 191 3.76 -26.66 18.69
N SER A 192 4.11 -27.80 18.06
CA SER A 192 5.21 -28.67 18.50
C SER A 192 6.52 -27.89 18.50
N TRP A 193 6.72 -27.13 17.39
CA TRP A 193 8.00 -26.39 17.13
C TRP A 193 8.08 -25.32 18.18
N VAL A 194 6.99 -24.57 18.35
CA VAL A 194 7.00 -23.57 19.40
C VAL A 194 7.28 -24.14 20.79
N SER A 195 6.59 -25.21 21.10
CA SER A 195 6.62 -25.82 22.41
C SER A 195 7.99 -26.34 22.75
N SER A 196 8.60 -26.75 21.66
CA SER A 196 9.90 -27.35 21.68
C SER A 196 11.09 -26.40 21.61
N LYS A 197 11.01 -25.35 20.77
CA LYS A 197 12.02 -24.30 20.60
C LYS A 197 11.95 -23.20 21.67
N ILE A 198 10.82 -22.50 21.80
CA ILE A 198 10.66 -21.43 22.76
C ILE A 198 10.28 -21.99 24.14
N GLY A 199 9.06 -22.45 24.28
CA GLY A 199 8.69 -23.12 25.51
C GLY A 199 7.23 -23.53 25.57
N ALA A 200 6.93 -24.47 26.47
CA ALA A 200 5.59 -25.02 26.66
C ALA A 200 4.59 -23.99 27.03
N ASP A 201 4.99 -23.07 27.89
CA ASP A 201 4.05 -22.04 28.34
C ASP A 201 3.59 -21.21 27.15
N VAL A 202 4.55 -20.64 26.41
CA VAL A 202 4.28 -19.85 25.23
C VAL A 202 3.32 -20.61 24.30
N ALA A 203 3.68 -21.88 24.03
CA ALA A 203 2.96 -22.78 23.15
C ALA A 203 1.46 -22.86 23.46
N GLY A 204 1.15 -23.04 24.75
CA GLY A 204 -0.21 -23.20 25.25
C GLY A 204 -1.07 -21.94 25.15
N GLU A 205 -0.39 -20.82 25.15
CA GLU A 205 -1.02 -19.53 25.10
C GLU A 205 -1.13 -19.10 23.65
N LEU A 206 -0.36 -19.75 22.74
CA LEU A 206 -0.24 -19.26 21.38
C LEU A 206 -1.52 -19.45 20.60
N ARG A 207 -1.95 -18.43 19.88
CA ARG A 207 -3.09 -18.59 18.98
C ARG A 207 -2.68 -18.95 17.57
N ILE A 208 -3.19 -20.07 17.06
CA ILE A 208 -2.90 -20.47 15.69
C ILE A 208 -4.21 -20.44 14.95
N LEU A 209 -4.39 -19.44 14.09
CA LEU A 209 -5.65 -19.33 13.34
C LEU A 209 -5.63 -20.18 12.06
N TYR A 210 -6.76 -20.71 11.60
CA TYR A 210 -6.79 -21.39 10.30
C TYR A 210 -7.12 -20.35 9.22
N GLY A 211 -6.27 -20.23 8.19
CA GLY A 211 -6.41 -19.16 7.20
C GLY A 211 -6.79 -19.67 5.81
N GLY A 212 -7.52 -20.77 5.82
CA GLY A 212 -8.05 -21.36 4.60
C GLY A 212 -9.50 -21.01 4.35
N SER A 213 -10.10 -21.88 3.57
CA SER A 213 -11.50 -21.73 3.21
C SER A 213 -12.46 -21.98 4.37
N VAL A 214 -13.05 -20.88 4.85
CA VAL A 214 -14.00 -20.96 5.91
C VAL A 214 -15.34 -20.29 5.61
N ASN A 215 -16.36 -21.09 5.79
CA ASN A 215 -17.69 -20.63 5.49
C ASN A 215 -18.51 -20.82 6.76
N GLY A 216 -19.75 -20.32 6.78
CA GLY A 216 -20.56 -20.50 7.96
C GLY A 216 -20.88 -21.98 8.29
N LYS A 217 -20.78 -22.89 7.31
CA LYS A 217 -21.17 -24.28 7.55
C LYS A 217 -20.08 -25.21 8.03
N ASN A 218 -18.82 -24.86 7.81
CA ASN A 218 -17.71 -25.71 8.17
C ASN A 218 -16.86 -25.17 9.32
N ALA A 219 -17.16 -23.93 9.74
CA ALA A 219 -16.35 -23.21 10.71
C ALA A 219 -16.36 -23.92 12.05
N ARG A 220 -17.52 -24.43 12.48
CA ARG A 220 -17.58 -25.15 13.77
C ARG A 220 -16.80 -26.47 13.74
N THR A 221 -16.83 -27.18 12.60
CA THR A 221 -16.13 -28.44 12.53
C THR A 221 -14.63 -28.21 12.51
N LEU A 222 -14.23 -27.04 11.98
CA LEU A 222 -12.82 -26.60 11.99
C LEU A 222 -12.39 -26.21 13.41
N TYR A 223 -13.26 -25.49 14.08
CA TYR A 223 -12.98 -25.03 15.42
C TYR A 223 -12.83 -26.18 16.43
N GLN A 224 -13.45 -27.29 16.07
CA GLN A 224 -13.63 -28.40 16.95
C GLN A 224 -12.37 -29.16 17.13
N GLN A 225 -11.40 -28.83 16.28
CA GLN A 225 -10.07 -29.44 16.29
C GLN A 225 -9.22 -28.80 17.37
N ARG A 226 -8.39 -29.61 18.00
CA ARG A 226 -7.60 -29.29 19.16
C ARG A 226 -6.70 -28.07 18.96
N ASP A 227 -6.00 -27.94 17.83
CA ASP A 227 -5.11 -26.80 17.75
C ASP A 227 -5.60 -25.64 16.91
N VAL A 228 -6.91 -25.57 16.68
CA VAL A 228 -7.52 -24.46 15.97
C VAL A 228 -8.06 -23.42 16.94
N ASN A 229 -7.45 -22.23 16.89
CA ASN A 229 -7.74 -21.10 17.73
C ASN A 229 -8.60 -20.03 17.04
N GLY A 230 -9.35 -20.38 16.04
CA GLY A 230 -10.07 -19.30 15.38
C GLY A 230 -9.64 -19.31 13.92
N PHE A 231 -9.88 -18.17 13.24
CA PHE A 231 -9.74 -18.02 11.78
C PHE A 231 -9.28 -16.65 11.28
N LEU A 232 -8.56 -16.70 10.16
CA LEU A 232 -8.26 -15.50 9.41
C LEU A 232 -9.08 -15.59 8.15
N VAL A 233 -10.09 -14.71 7.97
CA VAL A 233 -11.04 -14.90 6.87
C VAL A 233 -10.99 -13.89 5.74
N GLY A 234 -11.02 -14.43 4.50
CA GLY A 234 -11.10 -13.67 3.24
C GLY A 234 -12.56 -13.44 2.72
N GLY A 235 -13.01 -14.29 1.79
CA GLY A 235 -14.35 -14.26 1.16
C GLY A 235 -15.55 -14.03 2.10
N ALA A 236 -15.80 -15.00 3.00
CA ALA A 236 -16.94 -14.87 3.91
C ALA A 236 -16.87 -13.68 4.81
N SER A 237 -15.67 -13.05 4.97
CA SER A 237 -15.51 -11.84 5.80
C SER A 237 -16.30 -10.62 5.29
N LEU A 238 -16.52 -10.52 3.93
CA LEU A 238 -17.30 -9.49 3.23
C LEU A 238 -18.79 -9.82 3.21
N LYS A 239 -19.18 -10.90 3.90
CA LYS A 239 -20.56 -11.39 3.92
C LYS A 239 -21.19 -11.52 5.32
N PRO A 240 -22.54 -11.43 5.41
CA PRO A 240 -23.18 -11.57 6.71
C PRO A 240 -22.83 -12.88 7.41
N GLU A 241 -22.33 -13.84 6.64
CA GLU A 241 -21.94 -15.13 7.12
C GLU A 241 -20.81 -15.09 8.15
N PHE A 242 -20.00 -14.04 8.06
CA PHE A 242 -18.91 -13.82 8.96
C PHE A 242 -19.43 -13.91 10.40
N VAL A 243 -20.71 -13.64 10.55
CA VAL A 243 -21.40 -13.74 11.84
C VAL A 243 -21.46 -15.16 12.41
N ASP A 244 -21.69 -16.17 11.56
CA ASP A 244 -21.73 -17.54 12.04
C ASP A 244 -20.35 -18.05 12.42
N ILE A 245 -19.36 -17.42 11.78
CA ILE A 245 -17.95 -17.74 11.92
C ILE A 245 -17.44 -17.28 13.28
N ILE A 246 -17.96 -16.14 13.77
CA ILE A 246 -17.66 -15.61 15.07
C ILE A 246 -18.20 -16.55 16.14
N LYS A 247 -19.43 -17.00 15.89
CA LYS A 247 -20.17 -17.89 16.76
C LYS A 247 -19.55 -19.27 16.88
N ALA A 248 -19.02 -19.73 15.76
CA ALA A 248 -18.38 -21.04 15.72
C ALA A 248 -17.21 -21.20 16.67
N THR A 249 -16.76 -20.07 17.30
CA THR A 249 -15.59 -20.08 18.21
C THR A 249 -15.93 -20.24 19.70
N GLN A 250 -17.19 -20.59 19.99
CA GLN A 250 -17.71 -20.83 21.37
C GLN A 250 -16.99 -22.00 22.04
N SER B 2 1.72 31.15 -22.45
CA SER B 2 1.94 30.25 -23.58
C SER B 2 2.80 29.00 -23.30
N LYS B 3 2.67 28.53 -22.07
CA LYS B 3 3.12 27.23 -21.63
C LYS B 3 1.84 26.65 -21.04
N PRO B 4 1.68 25.32 -21.03
CA PRO B 4 0.48 24.74 -20.45
C PRO B 4 0.45 25.12 -18.98
N GLN B 5 -0.73 25.04 -18.34
CA GLN B 5 -0.81 25.39 -16.92
C GLN B 5 0.13 24.50 -16.11
N PRO B 6 0.99 25.11 -15.32
CA PRO B 6 1.94 24.37 -14.51
C PRO B 6 1.26 23.55 -13.41
N ILE B 7 2.05 22.64 -12.79
CA ILE B 7 1.72 21.86 -11.63
C ILE B 7 2.80 21.95 -10.55
N ALA B 8 2.45 22.12 -9.25
CA ALA B 8 3.32 22.00 -8.06
C ALA B 8 2.65 20.91 -7.27
N ALA B 9 3.30 19.73 -7.31
CA ALA B 9 2.82 18.52 -6.66
C ALA B 9 3.63 18.10 -5.46
N ALA B 10 2.94 17.98 -4.34
CA ALA B 10 3.59 17.64 -3.12
C ALA B 10 3.55 16.14 -3.00
N ASN B 11 4.68 15.46 -3.08
CA ASN B 11 4.71 14.02 -2.87
C ASN B 11 5.17 13.72 -1.42
N TRP B 12 4.20 13.45 -0.53
CA TRP B 12 4.55 13.23 0.87
C TRP B 12 5.28 11.91 1.08
N LYS B 13 5.15 11.05 0.08
CA LYS B 13 5.72 9.72 0.13
C LYS B 13 5.19 9.03 1.38
N CYS B 14 6.06 8.32 2.10
CA CYS B 14 5.64 7.58 3.28
C CYS B 14 5.98 8.33 4.54
N ASN B 15 5.30 9.49 4.75
CA ASN B 15 5.65 10.34 5.88
C ASN B 15 4.43 11.02 6.47
N GLY B 16 4.58 11.50 7.72
CA GLY B 16 3.54 12.27 8.41
C GLY B 16 2.92 11.74 9.68
N SER B 17 2.27 12.68 10.36
CA SER B 17 1.36 12.40 11.45
C SER B 17 0.13 13.28 11.25
N GLN B 18 -0.95 12.94 11.94
CA GLN B 18 -2.14 13.75 11.86
C GLN B 18 -1.82 15.19 12.20
N GLN B 19 -1.05 15.35 13.28
CA GLN B 19 -0.77 16.69 13.70
C GLN B 19 -0.04 17.57 12.72
N SER B 20 1.05 17.01 12.25
CA SER B 20 1.94 17.66 11.31
C SER B 20 1.30 17.90 9.94
N LEU B 21 0.48 16.97 9.46
CA LEU B 21 -0.06 17.17 8.13
C LEU B 21 -1.12 18.22 8.16
N SER B 22 -1.85 18.23 9.27
CA SER B 22 -2.87 19.23 9.51
C SER B 22 -2.31 20.64 9.47
N GLU B 23 -1.18 20.85 10.15
CA GLU B 23 -0.47 22.14 10.13
C GLU B 23 -0.20 22.59 8.71
N LEU B 24 0.57 21.77 7.95
CA LEU B 24 0.87 21.97 6.53
C LEU B 24 -0.41 22.42 5.80
N ILE B 25 -1.53 21.72 6.09
CA ILE B 25 -2.79 21.95 5.44
C ILE B 25 -3.44 23.32 5.74
N ASP B 26 -3.36 23.74 7.02
CA ASP B 26 -3.80 25.04 7.52
C ASP B 26 -2.90 26.09 6.83
N LEU B 27 -1.63 25.77 6.66
CA LEU B 27 -0.69 26.65 5.95
C LEU B 27 -1.10 26.87 4.51
N PHE B 28 -1.36 25.77 3.81
CA PHE B 28 -1.71 25.77 2.42
C PHE B 28 -3.03 26.52 2.25
N ASN B 29 -3.98 26.23 3.14
CA ASN B 29 -5.32 26.82 3.05
C ASN B 29 -5.27 28.35 3.17
N SER B 30 -4.23 28.86 3.85
CA SER B 30 -3.94 30.29 4.15
C SER B 30 -3.31 31.13 3.05
N THR B 31 -2.63 30.43 2.20
CA THR B 31 -1.86 30.93 1.08
C THR B 31 -2.77 31.37 -0.07
N SER B 32 -2.45 32.48 -0.67
CA SER B 32 -3.24 32.94 -1.77
C SER B 32 -2.43 32.80 -3.04
N ILE B 33 -3.05 32.28 -4.09
CA ILE B 33 -2.29 32.15 -5.30
C ILE B 33 -3.06 32.82 -6.41
N ASN B 34 -2.41 33.83 -6.96
CA ASN B 34 -3.05 34.64 -7.96
C ASN B 34 -2.98 34.07 -9.39
N HIS B 35 -2.02 33.16 -9.69
CA HIS B 35 -1.82 32.64 -11.05
C HIS B 35 -2.45 31.27 -11.31
N ASP B 36 -2.69 30.99 -12.60
CA ASP B 36 -3.20 29.70 -13.02
C ASP B 36 -2.07 28.68 -12.89
N VAL B 37 -2.32 27.83 -11.86
CA VAL B 37 -1.55 26.74 -11.31
C VAL B 37 -2.43 25.66 -10.64
N GLN B 38 -2.07 24.40 -10.88
CA GLN B 38 -2.80 23.32 -10.24
C GLN B 38 -1.91 22.67 -9.21
N CYS B 39 -2.23 22.83 -7.92
CA CYS B 39 -1.43 22.20 -6.87
C CYS B 39 -2.00 20.85 -6.51
N VAL B 40 -1.12 19.89 -6.21
CA VAL B 40 -1.51 18.51 -5.94
C VAL B 40 -0.91 18.08 -4.63
N VAL B 41 -1.70 17.46 -3.74
CA VAL B 41 -1.13 16.85 -2.53
C VAL B 41 -1.30 15.34 -2.58
N ALA B 42 -0.20 14.61 -2.56
CA ALA B 42 -0.21 13.18 -2.62
C ALA B 42 0.09 12.61 -1.24
N SER B 43 -0.91 12.18 -0.48
CA SER B 43 -0.51 11.70 0.83
C SER B 43 -0.67 10.21 0.95
N THR B 44 -0.32 9.71 2.15
CA THR B 44 -0.47 8.27 2.35
C THR B 44 -1.93 7.82 2.21
N PHE B 45 -2.21 6.56 1.80
CA PHE B 45 -3.63 6.13 1.76
C PHE B 45 -4.35 6.45 3.06
N VAL B 46 -3.65 6.28 4.12
CA VAL B 46 -4.18 6.37 5.44
C VAL B 46 -4.66 7.76 5.77
N HIS B 47 -3.97 8.77 5.22
CA HIS B 47 -4.25 10.19 5.46
C HIS B 47 -5.20 10.84 4.43
N LEU B 48 -5.70 10.05 3.45
CA LEU B 48 -6.55 10.58 2.39
C LEU B 48 -7.81 11.20 2.95
N ALA B 49 -8.30 10.53 3.98
CA ALA B 49 -9.49 10.98 4.69
C ALA B 49 -9.32 12.36 5.29
N MET B 50 -8.33 12.47 6.16
CA MET B 50 -8.01 13.70 6.83
C MET B 50 -7.75 14.81 5.83
N THR B 51 -7.10 14.48 4.73
CA THR B 51 -6.70 15.48 3.73
C THR B 51 -7.87 16.09 3.00
N LYS B 52 -8.74 15.18 2.61
CA LYS B 52 -9.93 15.47 1.83
C LYS B 52 -10.96 16.31 2.61
N GLU B 53 -10.98 16.13 3.92
CA GLU B 53 -11.89 16.80 4.83
C GLU B 53 -11.41 18.17 5.20
N ARG B 54 -10.10 18.32 5.31
CA ARG B 54 -9.45 19.52 5.80
C ARG B 54 -8.92 20.48 4.74
N LEU B 55 -8.38 19.97 3.63
CA LEU B 55 -7.84 20.76 2.53
C LEU B 55 -9.00 21.47 1.83
N SER B 56 -9.05 22.80 1.87
CA SER B 56 -10.19 23.53 1.32
C SER B 56 -9.89 24.43 0.13
N HIS B 57 -8.61 24.74 -0.05
CA HIS B 57 -8.14 25.61 -1.13
C HIS B 57 -8.54 25.10 -2.51
N PRO B 58 -9.22 25.95 -3.24
CA PRO B 58 -9.70 25.71 -4.61
C PRO B 58 -8.62 25.35 -5.65
N LYS B 59 -7.35 25.70 -5.39
CA LYS B 59 -6.30 25.39 -6.37
C LYS B 59 -5.54 24.06 -6.10
N PHE B 60 -6.02 23.33 -5.09
CA PHE B 60 -5.38 22.11 -4.67
C PHE B 60 -6.28 20.96 -5.01
N VAL B 61 -5.67 19.81 -5.27
CA VAL B 61 -6.35 18.54 -5.44
C VAL B 61 -5.55 17.49 -4.68
N ILE B 62 -6.24 16.47 -4.18
CA ILE B 62 -5.60 15.34 -3.58
C ILE B 62 -5.37 14.21 -4.60
N ALA B 63 -4.31 13.46 -4.33
CA ALA B 63 -3.75 12.33 -5.06
C ALA B 63 -3.36 11.16 -4.15
N ALA B 64 -3.38 9.99 -4.76
CA ALA B 64 -2.95 8.80 -4.14
C ALA B 64 -1.54 8.51 -4.59
N GLN B 65 -0.74 7.81 -3.80
CA GLN B 65 0.63 7.63 -4.25
C GLN B 65 0.85 6.39 -5.11
N ASN B 66 -0.20 5.63 -5.34
CA ASN B 66 -0.14 4.35 -6.08
C ASN B 66 -1.51 3.66 -6.07
N ALA B 67 -1.61 2.45 -6.65
CA ALA B 67 -2.82 1.66 -6.68
C ALA B 67 -2.60 0.48 -7.61
N ILE B 68 -3.54 -0.43 -7.64
CA ILE B 68 -3.48 -1.50 -8.62
C ILE B 68 -4.77 -1.38 -9.41
N ALA B 69 -4.79 -1.90 -10.61
CA ALA B 69 -5.91 -1.68 -11.49
C ALA B 69 -7.27 -2.21 -11.07
N LYS B 70 -7.30 -3.36 -10.37
CA LYS B 70 -8.57 -4.03 -10.11
C LYS B 70 -8.67 -4.56 -8.71
N SER B 71 -9.88 -4.50 -8.17
CA SER B 71 -10.12 -4.95 -6.82
C SER B 71 -10.02 -6.46 -6.84
N GLY B 72 -9.85 -7.01 -5.64
CA GLY B 72 -9.77 -8.44 -5.42
C GLY B 72 -8.85 -8.93 -4.31
N ALA B 73 -8.28 -10.11 -4.54
CA ALA B 73 -7.52 -10.67 -3.46
C ALA B 73 -6.08 -10.35 -3.52
N PHE B 74 -5.79 -9.10 -3.08
CA PHE B 74 -4.47 -8.48 -3.00
C PHE B 74 -4.22 -7.79 -1.67
N THR B 75 -3.97 -8.61 -0.63
CA THR B 75 -3.85 -8.19 0.76
C THR B 75 -2.81 -7.10 0.96
N GLY B 76 -3.19 -5.93 1.51
CA GLY B 76 -2.25 -4.83 1.63
C GLY B 76 -2.44 -3.74 0.53
N GLU B 77 -3.02 -4.07 -0.64
CA GLU B 77 -3.21 -3.15 -1.76
C GLU B 77 -4.55 -2.46 -1.81
N VAL B 78 -4.52 -1.38 -2.57
CA VAL B 78 -5.66 -0.53 -2.81
C VAL B 78 -5.85 -0.30 -4.32
N SER B 79 -7.05 -0.59 -4.80
CA SER B 79 -7.37 -0.46 -6.22
C SER B 79 -7.92 0.92 -6.64
N LEU B 80 -7.76 1.12 -7.94
CA LEU B 80 -8.43 2.20 -8.63
C LEU B 80 -9.92 2.30 -8.23
N PRO B 81 -10.67 1.17 -8.22
CA PRO B 81 -12.10 1.24 -7.90
C PRO B 81 -12.40 1.84 -6.55
N ILE B 82 -11.63 1.44 -5.58
CA ILE B 82 -11.73 1.92 -4.22
C ILE B 82 -11.43 3.39 -4.11
N LEU B 83 -10.31 3.81 -4.74
CA LEU B 83 -9.94 5.23 -4.78
C LEU B 83 -11.01 6.10 -5.45
N LYS B 84 -11.51 5.66 -6.60
CA LYS B 84 -12.53 6.44 -7.27
C LYS B 84 -13.80 6.52 -6.38
N ASP B 85 -14.16 5.46 -5.67
CA ASP B 85 -15.32 5.48 -4.81
C ASP B 85 -15.20 6.50 -3.66
N PHE B 86 -13.95 6.72 -3.21
CA PHE B 86 -13.54 7.63 -2.18
C PHE B 86 -13.35 9.07 -2.57
N GLY B 87 -13.45 9.45 -3.83
CA GLY B 87 -13.29 10.86 -4.17
C GLY B 87 -11.94 11.22 -4.77
N VAL B 88 -11.05 10.25 -4.94
CA VAL B 88 -9.71 10.49 -5.48
C VAL B 88 -9.68 10.25 -6.99
N ASN B 89 -9.26 11.30 -7.74
CA ASN B 89 -9.20 11.33 -9.20
C ASN B 89 -7.82 11.54 -9.76
N TRP B 90 -6.85 11.78 -8.88
CA TRP B 90 -5.48 11.94 -9.29
C TRP B 90 -4.65 10.87 -8.62
N ILE B 91 -3.60 10.42 -9.31
CA ILE B 91 -2.73 9.35 -8.86
C ILE B 91 -1.32 9.49 -9.45
N VAL B 92 -0.30 9.18 -8.64
CA VAL B 92 1.11 9.18 -9.04
C VAL B 92 1.41 7.72 -9.30
N LEU B 93 1.89 7.41 -10.49
CA LEU B 93 2.23 6.04 -10.82
C LEU B 93 3.68 5.94 -11.30
N GLY B 94 4.22 4.74 -11.21
CA GLY B 94 5.55 4.44 -11.76
C GLY B 94 6.69 5.08 -11.04
N HIS B 95 6.44 5.57 -9.82
CA HIS B 95 7.51 6.22 -9.04
C HIS B 95 8.76 5.36 -9.00
N SER B 96 10.00 5.93 -9.05
CA SER B 96 11.18 5.06 -9.02
C SER B 96 11.23 4.24 -7.78
N GLU B 97 10.70 4.74 -6.68
CA GLU B 97 10.85 3.96 -5.48
C GLU B 97 10.09 2.66 -5.63
N ARG B 98 9.04 2.68 -6.47
CA ARG B 98 8.26 1.48 -6.74
C ARG B 98 8.97 0.52 -7.71
N ARG B 99 9.45 1.08 -8.82
CA ARG B 99 10.26 0.42 -9.83
C ARG B 99 11.47 -0.27 -9.21
N ALA B 100 12.15 0.44 -8.30
CA ALA B 100 13.30 -0.10 -7.63
C ALA B 100 13.01 -1.20 -6.60
N TYR B 101 12.19 -0.88 -5.59
CA TYR B 101 11.93 -1.77 -4.45
C TYR B 101 10.92 -2.88 -4.64
N TYR B 102 9.80 -2.56 -5.26
CA TYR B 102 8.67 -3.46 -5.37
C TYR B 102 8.44 -3.98 -6.76
N GLY B 103 9.51 -4.04 -7.49
CA GLY B 103 9.56 -4.51 -8.83
C GLY B 103 8.60 -3.97 -9.88
N GLU B 104 8.43 -2.65 -9.99
CA GLU B 104 7.54 -2.17 -11.06
C GLU B 104 8.28 -1.94 -12.37
N THR B 105 8.04 -2.84 -13.30
CA THR B 105 8.67 -2.84 -14.64
C THR B 105 7.91 -1.91 -15.56
N ASN B 106 8.55 -1.53 -16.67
CA ASN B 106 7.99 -0.61 -17.63
C ASN B 106 6.57 -1.00 -18.02
N GLU B 107 6.37 -2.35 -18.14
CA GLU B 107 5.10 -2.96 -18.53
C GLU B 107 3.99 -2.82 -17.48
N ILE B 108 4.36 -3.11 -16.24
CA ILE B 108 3.53 -2.95 -15.07
C ILE B 108 3.05 -1.50 -14.90
N VAL B 109 3.96 -0.56 -15.07
CA VAL B 109 3.59 0.85 -14.98
C VAL B 109 2.61 1.24 -16.08
N ALA B 110 2.90 0.73 -17.28
CA ALA B 110 2.16 1.03 -18.48
C ALA B 110 0.75 0.59 -18.30
N ASP B 111 0.62 -0.60 -17.70
CA ASP B 111 -0.67 -1.22 -17.41
C ASP B 111 -1.48 -0.37 -16.46
N LYS B 112 -0.83 0.06 -15.37
CA LYS B 112 -1.41 0.91 -14.32
C LYS B 112 -1.93 2.25 -14.84
N VAL B 113 -1.18 2.87 -15.73
CA VAL B 113 -1.48 4.12 -16.42
C VAL B 113 -2.74 4.00 -17.31
N ALA B 114 -2.71 3.09 -18.30
CA ALA B 114 -3.83 2.77 -19.20
C ALA B 114 -5.12 2.52 -18.41
N ALA B 115 -5.01 1.77 -17.32
CA ALA B 115 -6.12 1.47 -16.43
C ALA B 115 -6.70 2.70 -15.79
N ALA B 116 -5.79 3.41 -15.11
CA ALA B 116 -6.10 4.64 -14.41
C ALA B 116 -6.77 5.62 -15.36
N VAL B 117 -6.24 5.69 -16.59
CA VAL B 117 -6.75 6.59 -17.60
C VAL B 117 -8.13 6.19 -18.10
N ALA B 118 -8.44 4.89 -18.04
CA ALA B 118 -9.70 4.32 -18.44
C ALA B 118 -10.73 4.55 -17.36
N SER B 119 -10.28 4.83 -16.14
CA SER B 119 -11.16 5.00 -14.99
C SER B 119 -11.39 6.43 -14.72
N GLY B 120 -10.82 7.24 -15.61
CA GLY B 120 -11.01 8.68 -15.56
C GLY B 120 -10.13 9.45 -14.58
N PHE B 121 -8.98 8.88 -14.22
CA PHE B 121 -8.11 9.59 -13.31
C PHE B 121 -7.19 10.42 -14.18
N MET B 122 -6.68 11.50 -13.58
CA MET B 122 -5.56 12.30 -14.04
C MET B 122 -4.32 11.64 -13.42
N VAL B 123 -3.38 11.22 -14.25
CA VAL B 123 -2.21 10.42 -13.84
C VAL B 123 -0.87 11.09 -14.07
N ILE B 124 -0.09 11.16 -12.98
CA ILE B 124 1.28 11.61 -13.00
C ILE B 124 2.15 10.40 -13.04
N ALA B 125 2.74 10.17 -14.20
CA ALA B 125 3.58 9.03 -14.48
C ALA B 125 5.05 9.43 -14.46
N CYS B 126 5.81 8.77 -13.60
CA CYS B 126 7.24 9.02 -13.46
C CYS B 126 8.11 8.15 -14.34
N ILE B 127 9.08 8.82 -14.97
CA ILE B 127 10.12 8.20 -15.75
C ILE B 127 11.46 8.81 -15.30
N GLY B 128 12.62 8.12 -15.48
CA GLY B 128 13.90 8.71 -15.13
C GLY B 128 14.99 7.67 -15.12
N GLU B 129 16.22 8.12 -15.21
CA GLU B 129 17.33 7.20 -15.23
C GLU B 129 18.04 7.20 -13.90
N THR B 130 18.80 6.14 -13.69
CA THR B 130 19.63 5.84 -12.53
C THR B 130 21.02 6.49 -12.65
N LEU B 131 21.74 6.62 -11.52
CA LEU B 131 23.09 7.18 -11.51
C LEU B 131 23.89 6.46 -12.55
N GLN B 132 23.77 5.15 -12.48
CA GLN B 132 24.48 4.22 -13.32
C GLN B 132 24.23 4.46 -14.80
N GLU B 133 22.97 4.55 -15.17
CA GLU B 133 22.63 4.72 -16.57
C GLU B 133 23.16 6.03 -17.14
N ARG B 134 23.12 7.02 -16.27
CA ARG B 134 23.56 8.33 -16.70
C ARG B 134 25.04 8.34 -17.05
N GLU B 135 25.84 7.80 -16.12
CA GLU B 135 27.29 7.69 -16.27
C GLU B 135 27.72 6.86 -17.49
N SER B 136 26.87 5.89 -17.91
CA SER B 136 27.07 4.95 -19.02
C SER B 136 26.82 5.62 -20.37
N GLY B 137 25.96 6.65 -20.33
CA GLY B 137 25.52 7.44 -21.47
C GLY B 137 24.20 6.94 -22.08
N ARG B 138 23.46 6.15 -21.30
CA ARG B 138 22.24 5.53 -21.71
C ARG B 138 20.98 6.38 -21.46
N THR B 139 21.15 7.58 -20.95
CA THR B 139 20.05 8.45 -20.58
C THR B 139 18.93 8.55 -21.59
N ALA B 140 19.28 8.92 -22.81
CA ALA B 140 18.30 9.10 -23.90
C ALA B 140 17.52 7.81 -24.16
N VAL B 141 18.21 6.68 -24.19
CA VAL B 141 17.58 5.36 -24.35
C VAL B 141 16.69 5.02 -23.17
N VAL B 142 17.21 5.26 -21.99
CA VAL B 142 16.47 4.87 -20.82
C VAL B 142 15.09 5.53 -20.77
N VAL B 143 15.10 6.85 -20.95
CA VAL B 143 13.87 7.63 -20.85
C VAL B 143 12.85 7.48 -21.98
N LEU B 144 13.33 7.25 -23.19
CA LEU B 144 12.45 7.11 -24.34
C LEU B 144 11.72 5.80 -24.33
N THR B 145 12.42 4.77 -23.84
CA THR B 145 11.85 3.47 -23.62
C THR B 145 10.80 3.53 -22.56
N GLN B 146 11.13 4.24 -21.50
CA GLN B 146 10.14 4.32 -20.43
C GLN B 146 8.85 4.94 -20.93
N ILE B 147 8.97 6.11 -21.56
CA ILE B 147 7.82 6.81 -22.11
C ILE B 147 7.12 5.99 -23.17
N ALA B 148 7.91 5.33 -24.04
CA ALA B 148 7.36 4.54 -25.12
C ALA B 148 6.50 3.38 -24.66
N ALA B 149 6.82 2.81 -23.47
CA ALA B 149 6.11 1.68 -22.86
C ALA B 149 4.68 2.06 -22.50
N ILE B 150 4.61 3.30 -22.02
CA ILE B 150 3.34 3.96 -21.68
C ILE B 150 2.53 4.36 -22.92
N ALA B 151 3.23 4.95 -23.87
CA ALA B 151 2.57 5.38 -25.07
C ALA B 151 1.80 4.25 -25.72
N LYS B 152 2.49 3.07 -25.78
CA LYS B 152 1.95 1.81 -26.30
C LYS B 152 0.49 1.55 -25.91
N LYS B 153 0.22 1.59 -24.62
CA LYS B 153 -1.13 1.33 -24.16
C LYS B 153 -2.10 2.50 -24.25
N LEU B 154 -1.66 3.65 -24.70
CA LEU B 154 -2.52 4.81 -24.70
C LEU B 154 -3.01 5.19 -26.07
N LYS B 155 -4.23 5.69 -26.14
CA LYS B 155 -4.66 6.22 -27.41
C LYS B 155 -4.61 7.73 -27.35
N LYS B 156 -4.46 8.31 -28.53
CA LYS B 156 -4.31 9.74 -28.67
C LYS B 156 -5.14 10.60 -27.73
N ALA B 157 -6.44 10.43 -27.67
CA ALA B 157 -7.17 11.26 -26.70
C ALA B 157 -6.77 11.01 -25.25
N ASP B 158 -6.33 9.79 -24.94
CA ASP B 158 -5.95 9.44 -23.58
C ASP B 158 -5.01 10.49 -22.92
N TRP B 159 -4.03 10.99 -23.71
CA TRP B 159 -2.99 11.93 -23.31
C TRP B 159 -3.47 13.19 -22.59
N ALA B 160 -4.66 13.64 -22.92
CA ALA B 160 -5.25 14.76 -22.21
C ALA B 160 -5.31 14.56 -20.67
N LYS B 161 -5.23 13.31 -20.23
CA LYS B 161 -5.27 12.95 -18.81
C LYS B 161 -3.87 12.61 -18.25
N VAL B 162 -2.83 12.69 -19.08
CA VAL B 162 -1.51 12.33 -18.63
C VAL B 162 -0.55 13.50 -18.37
N VAL B 163 0.22 13.29 -17.30
CA VAL B 163 1.30 14.14 -16.89
C VAL B 163 2.51 13.25 -16.60
N ILE B 164 3.64 13.67 -17.14
CA ILE B 164 4.92 13.04 -17.11
C ILE B 164 5.79 13.76 -16.11
N ALA B 165 6.39 12.96 -15.25
CA ALA B 165 7.31 13.56 -14.34
C ALA B 165 8.71 13.05 -14.60
N TYR B 166 9.59 13.98 -14.88
CA TYR B 166 10.97 13.61 -15.07
C TYR B 166 11.76 13.70 -13.77
N GLU B 167 12.11 12.55 -13.26
CA GLU B 167 12.83 12.50 -12.01
C GLU B 167 14.15 11.75 -12.18
N PRO B 168 15.21 12.43 -12.52
CA PRO B 168 16.50 11.76 -12.58
C PRO B 168 16.81 11.11 -11.21
N VAL B 169 16.91 9.77 -11.15
CA VAL B 169 17.05 9.09 -9.88
C VAL B 169 18.14 9.62 -8.93
N TRP B 170 19.29 9.99 -9.51
CA TRP B 170 20.44 10.43 -8.76
C TRP B 170 20.19 11.74 -8.04
N ALA B 171 19.12 12.42 -8.47
CA ALA B 171 18.66 13.67 -7.86
C ALA B 171 17.61 13.50 -6.76
N ILE B 172 17.13 12.26 -6.51
CA ILE B 172 16.09 12.02 -5.55
C ILE B 172 16.63 11.94 -4.14
N GLY B 173 16.22 12.96 -3.37
CA GLY B 173 16.52 13.22 -1.96
C GLY B 173 18.00 13.16 -1.58
N THR B 174 18.86 13.73 -2.43
CA THR B 174 20.32 13.69 -2.29
C THR B 174 20.96 15.07 -2.14
N GLY B 175 20.25 16.08 -2.64
CA GLY B 175 20.78 17.42 -2.78
C GLY B 175 21.40 17.60 -4.18
N LYS B 176 21.68 16.50 -4.89
CA LYS B 176 22.20 16.65 -6.25
C LYS B 176 21.13 17.06 -7.27
N VAL B 177 20.63 18.31 -7.18
CA VAL B 177 19.68 18.77 -8.18
C VAL B 177 20.29 18.68 -9.56
N ALA B 178 19.43 18.52 -10.54
CA ALA B 178 19.80 18.65 -11.94
C ALA B 178 19.98 20.15 -12.22
N THR B 179 20.87 20.48 -13.15
CA THR B 179 21.01 21.90 -13.38
C THR B 179 19.94 22.23 -14.36
N PRO B 180 19.72 23.49 -14.61
CA PRO B 180 18.70 23.85 -15.57
C PRO B 180 18.93 23.25 -16.95
N GLN B 181 20.20 23.20 -17.36
CA GLN B 181 20.57 22.67 -18.66
C GLN B 181 20.24 21.19 -18.79
N GLN B 182 20.54 20.40 -17.72
CA GLN B 182 20.34 18.97 -17.59
C GLN B 182 18.83 18.66 -17.62
N ALA B 183 18.07 19.46 -16.88
CA ALA B 183 16.63 19.28 -16.87
C ALA B 183 15.94 19.72 -18.15
N GLN B 184 16.39 20.82 -18.73
CA GLN B 184 15.83 21.24 -20.00
C GLN B 184 16.20 20.33 -21.17
N GLU B 185 17.38 19.68 -21.15
CA GLU B 185 17.69 18.82 -22.28
C GLU B 185 16.93 17.50 -22.13
N ALA B 186 16.71 17.06 -20.88
CA ALA B 186 15.86 15.90 -20.63
C ALA B 186 14.41 16.15 -21.12
N HIS B 187 13.84 17.28 -20.62
CA HIS B 187 12.47 17.67 -20.92
C HIS B 187 12.24 17.87 -22.41
N ALA B 188 13.21 18.45 -23.13
CA ALA B 188 13.04 18.66 -24.55
C ALA B 188 13.08 17.32 -25.29
N LEU B 189 13.95 16.43 -24.84
CA LEU B 189 14.01 15.14 -25.51
C LEU B 189 12.68 14.37 -25.52
N ILE B 190 12.10 14.28 -24.34
CA ILE B 190 10.78 13.62 -24.15
C ILE B 190 9.64 14.14 -25.03
N ARG B 191 9.63 15.45 -25.22
CA ARG B 191 8.58 16.19 -25.89
C ARG B 191 8.68 16.10 -27.39
N SER B 192 9.91 15.93 -27.87
CA SER B 192 10.22 15.70 -29.27
C SER B 192 9.78 14.29 -29.71
N TRP B 193 9.93 13.34 -28.81
CA TRP B 193 9.36 12.04 -29.00
C TRP B 193 7.82 12.11 -29.05
N VAL B 194 7.18 12.72 -28.05
CA VAL B 194 5.75 12.91 -28.10
C VAL B 194 5.27 13.54 -29.45
N SER B 195 5.79 14.72 -29.79
CA SER B 195 5.38 15.38 -31.04
C SER B 195 5.56 14.49 -32.23
N SER B 196 6.68 13.78 -32.26
CA SER B 196 7.02 12.88 -33.36
C SER B 196 6.07 11.68 -33.51
N LYS B 197 5.78 11.03 -32.39
CA LYS B 197 4.97 9.83 -32.26
C LYS B 197 3.45 10.02 -32.15
N ILE B 198 3.05 10.99 -31.32
CA ILE B 198 1.66 11.27 -31.05
C ILE B 198 1.15 12.45 -31.87
N GLY B 199 1.84 13.58 -31.78
CA GLY B 199 1.38 14.72 -32.58
C GLY B 199 1.78 15.98 -31.87
N ALA B 200 2.07 17.03 -32.66
CA ALA B 200 2.53 18.32 -32.14
C ALA B 200 1.57 18.96 -31.16
N ASP B 201 0.29 18.78 -31.42
CA ASP B 201 -0.72 19.34 -30.55
C ASP B 201 -0.61 18.88 -29.12
N VAL B 202 -0.39 17.57 -29.01
CA VAL B 202 -0.31 16.80 -27.78
C VAL B 202 0.90 17.23 -26.96
N ALA B 203 2.03 17.20 -27.64
CA ALA B 203 3.29 17.75 -27.15
C ALA B 203 3.15 19.19 -26.62
N GLY B 204 2.36 20.03 -27.31
CA GLY B 204 2.20 21.43 -26.93
C GLY B 204 1.45 21.59 -25.65
N GLU B 205 0.57 20.61 -25.40
CA GLU B 205 -0.30 20.67 -24.23
C GLU B 205 0.19 19.84 -23.03
N LEU B 206 1.13 18.93 -23.29
CA LEU B 206 1.56 17.97 -22.29
C LEU B 206 2.39 18.63 -21.22
N ARG B 207 2.14 18.29 -19.99
CA ARG B 207 2.94 18.82 -18.91
C ARG B 207 4.01 17.83 -18.48
N ILE B 208 5.28 18.28 -18.45
CA ILE B 208 6.38 17.46 -18.05
C ILE B 208 6.96 18.08 -16.78
N LEU B 209 6.85 17.39 -15.64
CA LEU B 209 7.34 17.90 -14.36
C LEU B 209 8.78 17.48 -14.02
N TYR B 210 9.42 18.33 -13.25
CA TYR B 210 10.74 17.93 -12.88
C TYR B 210 10.73 17.64 -11.40
N GLY B 211 11.38 16.54 -11.01
CA GLY B 211 11.60 16.23 -9.61
C GLY B 211 13.04 15.79 -9.43
N GLY B 212 13.40 16.04 -8.13
CA GLY B 212 14.75 15.65 -7.63
C GLY B 212 15.47 16.76 -6.86
N SER B 213 15.19 16.83 -5.59
CA SER B 213 15.84 17.83 -4.73
C SER B 213 15.48 19.27 -5.07
N VAL B 214 14.24 19.51 -5.51
CA VAL B 214 13.78 20.85 -5.83
C VAL B 214 13.51 21.51 -4.48
N ASN B 215 13.74 22.80 -4.39
CA ASN B 215 13.58 23.52 -3.15
C ASN B 215 13.18 24.97 -3.40
N GLY B 216 12.92 25.68 -2.32
CA GLY B 216 12.48 27.07 -2.45
C GLY B 216 13.38 27.92 -3.32
N LYS B 217 14.69 27.76 -3.07
CA LYS B 217 15.74 28.52 -3.78
C LYS B 217 15.97 28.20 -5.27
N ASN B 218 16.17 26.91 -5.61
CA ASN B 218 16.40 26.39 -6.97
C ASN B 218 15.19 26.29 -7.86
N ALA B 219 13.97 26.24 -7.33
CA ALA B 219 12.81 26.18 -8.20
C ALA B 219 12.68 27.28 -9.30
N ARG B 220 13.02 28.54 -9.02
CA ARG B 220 12.74 29.56 -10.02
C ARG B 220 13.47 29.33 -11.34
N THR B 221 14.79 29.19 -11.28
CA THR B 221 15.58 28.96 -12.47
C THR B 221 15.19 27.72 -13.26
N LEU B 222 14.79 26.70 -12.51
CA LEU B 222 14.35 25.46 -13.10
C LEU B 222 13.18 25.75 -14.01
N TYR B 223 12.22 26.43 -13.42
CA TYR B 223 10.99 26.75 -14.08
C TYR B 223 11.15 27.64 -15.28
N GLN B 224 12.18 28.47 -15.23
CA GLN B 224 12.48 29.37 -16.32
C GLN B 224 12.79 28.70 -17.64
N GLN B 225 12.94 27.39 -17.60
CA GLN B 225 13.24 26.62 -18.80
C GLN B 225 12.04 26.39 -19.71
N ARG B 226 12.30 26.46 -21.03
CA ARG B 226 11.22 26.30 -21.99
C ARG B 226 10.30 25.09 -21.78
N ASP B 227 10.87 23.96 -21.42
CA ASP B 227 10.14 22.73 -21.38
C ASP B 227 9.78 22.21 -20.00
N VAL B 228 10.04 23.05 -18.98
CA VAL B 228 9.77 22.74 -17.58
C VAL B 228 8.43 23.35 -17.18
N ASN B 229 7.45 22.46 -16.83
CA ASN B 229 6.08 22.79 -16.48
C ASN B 229 5.70 22.67 -15.00
N GLY B 230 6.69 22.49 -14.17
CA GLY B 230 6.46 22.42 -12.74
C GLY B 230 7.32 21.35 -12.14
N PHE B 231 6.84 20.91 -10.98
CA PHE B 231 7.57 20.03 -10.13
C PHE B 231 6.74 19.10 -9.31
N LEU B 232 7.41 18.03 -9.03
CA LEU B 232 6.89 17.01 -8.19
C LEU B 232 7.88 16.94 -7.04
N VAL B 233 7.49 17.27 -5.79
CA VAL B 233 8.47 17.50 -4.71
C VAL B 233 8.30 16.58 -3.49
N GLY B 234 9.37 15.92 -3.09
CA GLY B 234 9.32 15.11 -1.89
C GLY B 234 9.59 15.93 -0.64
N GLY B 235 10.82 15.90 -0.18
CA GLY B 235 11.28 16.55 1.06
C GLY B 235 10.75 17.94 1.40
N ALA B 236 10.82 18.82 0.42
CA ALA B 236 10.44 20.19 0.63
C ALA B 236 8.96 20.35 0.77
N SER B 237 8.19 19.28 0.43
CA SER B 237 6.71 19.30 0.45
C SER B 237 6.12 19.18 1.86
N LEU B 238 6.98 18.77 2.83
CA LEU B 238 6.74 18.56 4.28
C LEU B 238 6.94 19.84 5.14
N LYS B 239 7.44 20.86 4.45
CA LYS B 239 7.84 22.18 4.94
C LYS B 239 6.99 23.29 4.31
N PRO B 240 7.08 24.51 4.92
CA PRO B 240 6.37 25.66 4.42
C PRO B 240 6.96 26.16 3.13
N GLU B 241 8.20 25.73 2.92
CA GLU B 241 9.00 26.01 1.74
C GLU B 241 8.28 25.70 0.43
N PHE B 242 7.42 24.69 0.51
CA PHE B 242 6.60 24.27 -0.59
C PHE B 242 5.85 25.44 -1.14
N VAL B 243 5.58 26.40 -0.27
CA VAL B 243 4.84 27.57 -0.65
C VAL B 243 5.62 28.36 -1.71
N ASP B 244 6.91 28.51 -1.45
CA ASP B 244 7.79 29.20 -2.37
C ASP B 244 7.94 28.50 -3.72
N ILE B 245 7.99 27.16 -3.67
CA ILE B 245 8.00 26.37 -4.85
C ILE B 245 6.76 26.63 -5.67
N ILE B 246 5.55 26.66 -5.03
CA ILE B 246 4.33 27.02 -5.74
C ILE B 246 4.55 28.38 -6.44
N LYS B 247 5.04 29.38 -5.68
CA LYS B 247 5.24 30.71 -6.25
C LYS B 247 6.18 30.80 -7.46
N ALA B 248 7.07 29.84 -7.62
CA ALA B 248 8.03 29.93 -8.72
C ALA B 248 7.49 29.56 -10.09
N THR B 249 6.26 29.07 -10.16
CA THR B 249 5.65 28.42 -11.33
C THR B 249 4.42 29.11 -11.83
N GLN B 250 4.55 29.77 -12.97
CA GLN B 250 3.46 30.43 -13.68
C GLN B 250 3.68 30.38 -15.21
O1 G3P C . 8.23 13.06 -6.59
C1 G3P C . 8.94 12.58 -5.45
C2 G3P C . 10.40 12.81 -5.76
O2 G3P C . 11.15 11.56 -5.78
C3 G3P C . 11.01 13.89 -4.87
O1P G3P C . 12.38 13.81 -4.44
O4P G3P C . 12.46 14.45 -1.97
O2P G3P C . 14.42 14.95 -3.51
O3P G3P C . 12.21 16.17 -3.90
P G3P C . 12.91 14.89 -3.36
#